data_6RGB
#
_entry.id   6RGB
#
_cell.length_a   62.790
_cell.length_b   75.620
_cell.length_c   118.110
_cell.angle_alpha   90.000
_cell.angle_beta   90.000
_cell.angle_gamma   90.000
#
_symmetry.space_group_name_H-M   'I 2 2 2'
#
loop_
_entity.id
_entity.type
_entity.pdbx_description
1 polymer 'NAD kinase 1'
2 non-polymer 'CITRIC ACID'
3 non-polymer (2~{R},3~{R},4~{S},5~{R})-2-(6-aminopurin-9-yl)-5-[[3-[6-azanyl-9-[(2~{R},3~{R},4~{S},5~{R})-5-(hydroxymethyl)-3,4-bis(oxidanyl)oxolan-2-yl]purin-8-yl]prop-2-ynylamino]methyl]oxolane-3,4-diol
4 water water
#
_entity_poly.entity_id   1
_entity_poly.type   'polypeptide(L)'
_entity_poly.pdbx_seq_one_letter_code
;MKYMITSKGDEKSDLLRLNMIAGFGEYDMEYDDVEPEIVISIGGDGTFLSAFHQYEERLDEIAFIGIHTGHLGFYADWRP
AEADKLVKLLAKGEYQKVSYPLLKTTVKYGIGKKEATYLALNESTVKSSGGPFVVDVVINDIHFERFRGDGLCMSTPSGT
TAYNKSLGGALMHPSIEAMQLTEMASINNRVYRTIGSPLVFPKHHVVSLQPVNDKDFQISVDHLSILHRDVQEIRYEVSA
KKIHFARFRSFPFWRRVHDSFIEDLEHHHHHH
;
_entity_poly.pdbx_strand_id   A
#
loop_
_chem_comp.id
_chem_comp.type
_chem_comp.name
_chem_comp.formula
CIT non-polymer 'CITRIC ACID' 'C6 H8 O7'
K38 non-polymer (2~{R},3~{R},4~{S},5~{R})-2-(6-aminopurin-9-yl)-5-[[3-[6-azanyl-9-[(2~{R},3~{R},4~{S},5~{R})-5-(hydroxymethyl)-3,4-bis(oxidanyl)oxolan-2-yl]purin-8-yl]prop-2-ynylamino]methyl]oxolane-3,4-diol 'C23 H27 N11 O7'
#
# COMPACT_ATOMS: atom_id res chain seq x y z
N MET A 1 -17.23 -19.53 1.09
CA MET A 1 -17.68 -18.78 2.24
C MET A 1 -18.32 -17.46 1.82
N LYS A 2 -18.31 -16.48 2.72
CA LYS A 2 -18.79 -15.15 2.37
C LYS A 2 -17.75 -14.44 1.51
N TYR A 3 -18.22 -13.72 0.50
CA TYR A 3 -17.32 -13.05 -0.42
C TYR A 3 -17.97 -11.78 -0.93
N MET A 4 -17.15 -10.92 -1.55
CA MET A 4 -17.65 -9.76 -2.25
C MET A 4 -16.69 -9.45 -3.40
N ILE A 5 -17.20 -8.73 -4.39
CA ILE A 5 -16.42 -8.34 -5.55
C ILE A 5 -16.59 -6.85 -5.79
N THR A 6 -15.48 -6.14 -5.88
CA THR A 6 -15.47 -4.73 -6.28
C THR A 6 -14.99 -4.61 -7.73
N SER A 7 -15.39 -3.52 -8.36
CA SER A 7 -15.15 -3.33 -9.79
C SER A 7 -14.59 -1.94 -10.05
N LYS A 8 -13.72 -1.86 -11.06
CA LYS A 8 -13.24 -0.57 -11.54
C LYS A 8 -14.38 0.33 -12.00
N GLY A 9 -15.54 -0.23 -12.31
CA GLY A 9 -16.68 0.54 -12.74
C GLY A 9 -16.82 0.69 -14.24
N ASP A 10 -15.82 0.28 -15.01
CA ASP A 10 -15.94 0.35 -16.45
C ASP A 10 -16.75 -0.84 -16.96
N GLU A 11 -16.98 -0.87 -18.28
CA GLU A 11 -17.86 -1.87 -18.87
C GLU A 11 -17.28 -3.27 -18.72
N LYS A 12 -15.96 -3.42 -18.89
CA LYS A 12 -15.36 -4.74 -18.85
C LYS A 12 -15.39 -5.33 -17.43
N SER A 13 -15.05 -4.52 -16.43
CA SER A 13 -14.94 -5.05 -15.08
C SER A 13 -16.30 -5.34 -14.46
N ASP A 14 -17.32 -4.54 -14.81
CA ASP A 14 -18.64 -4.75 -14.25
C ASP A 14 -19.22 -6.10 -14.68
N LEU A 15 -19.09 -6.44 -15.97
CA LEU A 15 -19.66 -7.68 -16.46
C LEU A 15 -18.84 -8.90 -16.05
N LEU A 16 -17.51 -8.73 -15.91
CA LEU A 16 -16.72 -9.81 -15.33
C LEU A 16 -17.15 -10.08 -13.90
N ARG A 17 -17.50 -9.03 -13.16
CA ARG A 17 -17.99 -9.19 -11.80
C ARG A 17 -19.32 -9.94 -11.77
N LEU A 18 -20.25 -9.56 -12.66
CA LEU A 18 -21.55 -10.23 -12.70
C LEU A 18 -21.40 -11.70 -13.12
N ASN A 19 -20.43 -12.00 -14.00
CA ASN A 19 -20.24 -13.38 -14.41
C ASN A 19 -19.65 -14.22 -13.29
N MET A 20 -18.74 -13.65 -12.49
CA MET A 20 -18.19 -14.41 -11.37
C MET A 20 -19.23 -14.62 -10.28
N ILE A 21 -20.06 -13.61 -10.02
CA ILE A 21 -21.15 -13.78 -9.06
C ILE A 21 -22.07 -14.92 -9.48
N ALA A 22 -22.41 -14.97 -10.78
CA ALA A 22 -23.24 -16.06 -11.28
C ALA A 22 -22.56 -17.41 -11.10
N GLY A 23 -21.27 -17.49 -11.44
CA GLY A 23 -20.53 -18.72 -11.24
C GLY A 23 -20.42 -19.12 -9.78
N PHE A 24 -20.34 -18.12 -8.88
CA PHE A 24 -20.31 -18.41 -7.45
C PHE A 24 -21.65 -18.95 -6.96
N GLY A 25 -22.75 -18.57 -7.63
CA GLY A 25 -24.06 -19.06 -7.23
C GLY A 25 -24.24 -20.55 -7.39
N GLU A 26 -23.35 -21.20 -8.14
CA GLU A 26 -23.39 -22.65 -8.33
C GLU A 26 -22.64 -23.40 -7.24
N TYR A 27 -22.15 -22.70 -6.22
CA TYR A 27 -21.42 -23.31 -5.11
C TYR A 27 -21.98 -22.78 -3.79
N ASP A 28 -21.43 -23.29 -2.70
CA ASP A 28 -21.77 -22.81 -1.35
C ASP A 28 -20.98 -21.51 -1.10
N MET A 29 -21.36 -20.49 -1.86
CA MET A 29 -20.70 -19.18 -1.81
C MET A 29 -21.77 -18.11 -1.65
N GLU A 30 -21.71 -17.37 -0.56
CA GLU A 30 -22.68 -16.33 -0.24
C GLU A 30 -22.04 -14.96 -0.47
N TYR A 31 -22.74 -14.09 -1.20
CA TYR A 31 -22.25 -12.74 -1.43
C TYR A 31 -22.57 -11.89 -0.21
N ASP A 32 -21.53 -11.29 0.37
CA ASP A 32 -21.68 -10.43 1.54
C ASP A 32 -20.57 -9.39 1.50
N ASP A 33 -20.93 -8.12 1.32
CA ASP A 33 -19.96 -7.04 1.31
C ASP A 33 -19.84 -6.35 2.66
N VAL A 34 -20.36 -6.97 3.72
CA VAL A 34 -20.26 -6.46 5.08
C VAL A 34 -19.24 -7.25 5.89
N GLU A 35 -19.35 -8.58 5.88
CA GLU A 35 -18.38 -9.46 6.53
C GLU A 35 -17.88 -10.51 5.54
N PRO A 36 -17.22 -10.09 4.45
CA PRO A 36 -16.68 -11.08 3.52
C PRO A 36 -15.41 -11.71 4.07
N GLU A 37 -15.18 -12.95 3.68
CA GLU A 37 -13.93 -13.63 3.96
C GLU A 37 -13.00 -13.66 2.75
N ILE A 38 -13.52 -13.34 1.57
CA ILE A 38 -12.74 -13.23 0.34
C ILE A 38 -13.16 -11.96 -0.37
N VAL A 39 -12.21 -11.09 -0.67
CA VAL A 39 -12.46 -9.84 -1.36
C VAL A 39 -11.76 -9.89 -2.72
N ILE A 40 -12.55 -9.81 -3.79
CA ILE A 40 -12.04 -9.90 -5.15
C ILE A 40 -12.09 -8.51 -5.75
N SER A 41 -10.94 -8.03 -6.23
CA SER A 41 -10.82 -6.70 -6.84
C SER A 41 -10.60 -6.85 -8.33
N ILE A 42 -11.50 -6.25 -9.12
CA ILE A 42 -11.45 -6.33 -10.58
C ILE A 42 -11.18 -4.93 -11.11
N GLY A 43 -10.00 -4.72 -11.66
CA GLY A 43 -9.58 -3.44 -12.18
C GLY A 43 -8.07 -3.33 -12.16
N GLY A 44 -7.57 -2.15 -11.81
CA GLY A 44 -6.16 -1.90 -11.68
C GLY A 44 -5.68 -1.96 -10.24
N ASP A 45 -4.43 -1.56 -10.05
CA ASP A 45 -3.89 -1.48 -8.69
C ASP A 45 -4.62 -0.44 -7.85
N GLY A 46 -5.06 0.65 -8.49
CA GLY A 46 -5.87 1.63 -7.77
C GLY A 46 -7.18 1.03 -7.28
N THR A 47 -7.82 0.20 -8.11
CA THR A 47 -9.02 -0.50 -7.67
C THR A 47 -8.73 -1.42 -6.50
N PHE A 48 -7.57 -2.09 -6.52
CA PHE A 48 -7.22 -2.97 -5.41
C PHE A 48 -6.91 -2.16 -4.16
N LEU A 49 -6.25 -1.01 -4.31
CA LEU A 49 -6.00 -0.14 -3.15
C LEU A 49 -7.31 0.29 -2.49
N SER A 50 -8.31 0.62 -3.31
CA SER A 50 -9.60 1.01 -2.74
C SER A 50 -10.26 -0.16 -2.02
N ALA A 51 -10.14 -1.37 -2.57
CA ALA A 51 -10.70 -2.55 -1.92
C ALA A 51 -10.02 -2.82 -0.59
N PHE A 52 -8.70 -2.60 -0.53
CA PHE A 52 -7.97 -2.80 0.72
C PHE A 52 -8.44 -1.84 1.80
N HIS A 53 -8.46 -0.54 1.49
CA HIS A 53 -8.92 0.46 2.45
C HIS A 53 -10.40 0.35 2.73
N GLN A 54 -11.16 -0.31 1.84
CA GLN A 54 -12.58 -0.53 2.09
C GLN A 54 -12.81 -1.50 3.24
N TYR A 55 -11.86 -2.41 3.46
CA TYR A 55 -11.98 -3.46 4.47
C TYR A 55 -10.71 -3.53 5.33
N GLU A 56 -10.13 -2.38 5.64
CA GLU A 56 -8.90 -2.36 6.42
C GLU A 56 -9.12 -2.65 7.90
N GLU A 57 -10.37 -2.79 8.34
CA GLU A 57 -10.70 -3.10 9.72
C GLU A 57 -11.00 -4.57 9.95
N ARG A 58 -10.94 -5.39 8.90
CA ARG A 58 -11.11 -6.83 8.98
C ARG A 58 -10.04 -7.53 8.16
N LEU A 59 -8.80 -7.05 8.24
CA LEU A 59 -7.73 -7.60 7.42
C LEU A 59 -7.38 -9.02 7.82
N ASP A 60 -7.46 -9.34 9.11
CA ASP A 60 -7.12 -10.68 9.59
C ASP A 60 -8.19 -11.72 9.27
N GLU A 61 -9.37 -11.30 8.83
CA GLU A 61 -10.45 -12.22 8.49
C GLU A 61 -10.80 -12.16 7.01
N ILE A 62 -9.88 -11.69 6.17
CA ILE A 62 -10.13 -11.48 4.75
C ILE A 62 -8.91 -11.90 3.95
N ALA A 63 -9.14 -12.57 2.83
CA ALA A 63 -8.11 -12.89 1.85
C ALA A 63 -8.42 -12.14 0.56
N PHE A 64 -7.46 -11.36 0.08
CA PHE A 64 -7.67 -10.53 -1.10
C PHE A 64 -7.21 -11.24 -2.37
N ILE A 65 -7.91 -10.97 -3.46
CA ILE A 65 -7.53 -11.46 -4.79
C ILE A 65 -7.74 -10.31 -5.78
N GLY A 66 -6.75 -10.08 -6.63
CA GLY A 66 -6.81 -9.03 -7.63
C GLY A 66 -6.86 -9.62 -9.04
N ILE A 67 -7.78 -9.08 -9.84
CA ILE A 67 -7.91 -9.43 -11.25
C ILE A 67 -7.71 -8.16 -12.06
N HIS A 68 -6.78 -8.21 -13.02
CA HIS A 68 -6.43 -7.02 -13.80
C HIS A 68 -7.14 -7.10 -15.16
N THR A 69 -8.08 -6.19 -15.38
CA THR A 69 -8.74 -6.10 -16.67
C THR A 69 -7.89 -5.31 -17.67
N GLY A 70 -7.18 -4.29 -17.19
CA GLY A 70 -6.24 -3.59 -18.02
C GLY A 70 -4.93 -4.34 -18.12
N HIS A 71 -3.85 -3.76 -17.59
CA HIS A 71 -2.54 -4.38 -17.60
CA HIS A 71 -2.56 -4.41 -17.61
C HIS A 71 -2.27 -5.07 -16.27
N LEU A 72 -1.23 -5.90 -16.26
CA LEU A 72 -0.83 -6.61 -15.04
C LEU A 72 -0.44 -5.63 -13.96
N GLY A 73 -1.14 -5.68 -12.83
CA GLY A 73 -0.78 -4.93 -11.66
C GLY A 73 -0.04 -5.81 -10.66
N PHE A 74 0.67 -5.17 -9.73
CA PHE A 74 1.39 -5.91 -8.71
C PHE A 74 0.44 -6.56 -7.71
N TYR A 75 -0.76 -6.03 -7.55
CA TYR A 75 -1.78 -6.61 -6.69
C TYR A 75 -2.85 -7.36 -7.48
N ALA A 76 -3.28 -6.81 -8.62
CA ALA A 76 -4.20 -7.52 -9.51
C ALA A 76 -3.38 -8.37 -10.47
N ASP A 77 -3.03 -9.57 -10.01
CA ASP A 77 -2.17 -10.48 -10.75
C ASP A 77 -2.94 -11.71 -11.25
N TRP A 78 -4.15 -11.51 -11.73
CA TRP A 78 -4.93 -12.55 -12.39
C TRP A 78 -5.52 -11.99 -13.68
N ARG A 79 -5.40 -12.77 -14.75
CA ARG A 79 -5.95 -12.34 -16.03
C ARG A 79 -7.46 -12.57 -16.07
N PRO A 80 -8.19 -11.76 -16.84
CA PRO A 80 -9.65 -11.92 -16.89
C PRO A 80 -10.09 -13.25 -17.48
N ALA A 81 -9.32 -13.82 -18.40
CA ALA A 81 -9.70 -15.09 -19.01
C ALA A 81 -9.62 -16.25 -18.04
N GLU A 82 -8.92 -16.08 -16.91
CA GLU A 82 -8.79 -17.11 -15.89
C GLU A 82 -9.82 -16.95 -14.76
N ALA A 83 -10.93 -16.25 -15.03
CA ALA A 83 -11.90 -15.97 -13.98
C ALA A 83 -12.66 -17.23 -13.57
N ASP A 84 -13.05 -18.06 -14.54
CA ASP A 84 -13.81 -19.26 -14.23
C ASP A 84 -12.96 -20.27 -13.47
N LYS A 85 -11.70 -20.46 -13.89
CA LYS A 85 -10.79 -21.31 -13.14
C LYS A 85 -10.57 -20.75 -11.73
N LEU A 86 -10.67 -19.43 -11.57
CA LEU A 86 -10.54 -18.84 -10.24
C LEU A 86 -11.77 -19.13 -9.40
N VAL A 87 -12.95 -19.05 -9.99
CA VAL A 87 -14.20 -19.35 -9.27
C VAL A 87 -14.15 -20.75 -8.70
N LYS A 88 -13.81 -21.73 -9.54
CA LYS A 88 -13.79 -23.13 -9.10
C LYS A 88 -12.77 -23.33 -7.98
N LEU A 89 -11.53 -22.87 -8.20
CA LEU A 89 -10.50 -23.02 -7.18
C LEU A 89 -10.87 -22.28 -5.89
N LEU A 90 -11.55 -21.14 -6.02
CA LEU A 90 -11.92 -20.36 -4.84
C LEU A 90 -13.06 -21.02 -4.08
N ALA A 91 -13.98 -21.67 -4.81
CA ALA A 91 -15.12 -22.30 -4.16
C ALA A 91 -14.68 -23.49 -3.32
N LYS A 92 -13.76 -24.30 -3.83
CA LYS A 92 -13.28 -25.46 -3.07
C LYS A 92 -12.57 -25.02 -1.79
N GLY A 93 -11.60 -24.11 -1.92
CA GLY A 93 -10.87 -23.64 -0.76
C GLY A 93 -9.58 -24.41 -0.53
N GLU A 94 -9.19 -24.54 0.73
CA GLU A 94 -7.93 -25.21 1.11
C GLU A 94 -6.74 -24.61 0.37
N TYR A 95 -6.79 -23.30 0.15
CA TYR A 95 -5.71 -22.59 -0.52
C TYR A 95 -4.72 -22.06 0.49
N GLN A 96 -3.57 -21.59 -0.01
CA GLN A 96 -2.53 -21.02 0.82
C GLN A 96 -2.64 -19.51 0.87
N LYS A 97 -2.51 -18.95 2.08
CA LYS A 97 -2.55 -17.51 2.28
C LYS A 97 -1.15 -16.94 2.31
N VAL A 98 -0.99 -15.74 1.76
CA VAL A 98 0.29 -15.04 1.71
C VAL A 98 0.10 -13.65 2.28
N SER A 99 0.99 -13.25 3.18
CA SER A 99 0.85 -12.01 3.93
C SER A 99 1.99 -11.05 3.60
N TYR A 100 1.63 -9.78 3.37
CA TYR A 100 2.56 -8.69 3.13
C TYR A 100 2.50 -7.67 4.27
N PRO A 101 3.61 -7.05 4.62
CA PRO A 101 3.60 -6.06 5.70
C PRO A 101 2.93 -4.76 5.27
N LEU A 102 2.44 -4.02 6.26
CA LEU A 102 1.77 -2.76 6.03
C LEU A 102 2.45 -1.67 6.85
N LEU A 103 2.20 -0.42 6.47
CA LEU A 103 2.80 0.74 7.11
C LEU A 103 1.77 1.45 7.97
N LYS A 104 2.10 1.67 9.24
CA LYS A 104 1.25 2.42 10.15
C LYS A 104 1.72 3.86 10.21
N THR A 105 0.80 4.79 9.99
CA THR A 105 1.06 6.22 10.07
C THR A 105 0.24 6.80 11.20
N THR A 106 0.88 7.57 12.08
CA THR A 106 0.22 8.25 13.18
C THR A 106 0.48 9.74 13.07
N VAL A 107 -0.60 10.53 13.10
CA VAL A 107 -0.53 11.99 13.00
C VAL A 107 -1.08 12.56 14.29
N LYS A 108 -0.23 13.18 15.09
CA LYS A 108 -0.63 13.79 16.35
C LYS A 108 -0.87 15.29 16.14
N TYR A 109 -1.77 15.84 16.96
CA TYR A 109 -2.12 17.25 16.86
C TYR A 109 -1.94 17.96 18.20
N GLY A 110 -2.64 19.07 18.37
CA GLY A 110 -2.59 19.83 19.61
C GLY A 110 -3.94 20.37 20.00
N LYS A 114 -6.47 15.26 19.07
CA LYS A 114 -6.57 13.80 19.09
C LYS A 114 -5.86 13.19 17.88
N GLU A 115 -4.92 12.29 18.15
CA GLU A 115 -4.13 11.70 17.08
C GLU A 115 -5.00 10.83 16.18
N ALA A 116 -4.55 10.65 14.95
CA ALA A 116 -5.21 9.83 13.96
C ALA A 116 -4.20 8.82 13.41
N THR A 117 -4.67 7.61 13.14
CA THR A 117 -3.83 6.55 12.59
C THR A 117 -4.35 6.13 11.23
N TYR A 118 -3.42 5.76 10.36
CA TYR A 118 -3.77 5.29 9.02
C TYR A 118 -2.96 4.04 8.70
N LEU A 119 -3.47 3.26 7.76
CA LEU A 119 -2.83 2.04 7.29
C LEU A 119 -2.57 2.17 5.80
N ALA A 120 -1.34 1.87 5.37
CA ALA A 120 -0.93 2.04 4.00
C ALA A 120 -0.44 0.72 3.43
N LEU A 121 -0.89 0.41 2.22
CA LEU A 121 -0.42 -0.76 1.48
C LEU A 121 0.75 -0.41 0.56
N ASN A 122 0.69 0.76 -0.08
CA ASN A 122 1.80 1.23 -0.92
C ASN A 122 2.76 2.09 -0.11
N GLU A 123 2.34 3.30 0.25
CA GLU A 123 3.23 4.22 0.95
C GLU A 123 2.43 5.33 1.60
N SER A 124 3.13 6.16 2.36
CA SER A 124 2.62 7.40 2.91
C SER A 124 3.66 8.50 2.68
N THR A 125 3.22 9.65 2.19
CA THR A 125 4.13 10.74 1.87
C THR A 125 3.68 12.01 2.59
N VAL A 126 4.64 12.90 2.81
CA VAL A 126 4.40 14.18 3.47
C VAL A 126 4.98 15.28 2.58
N LYS A 127 4.18 16.30 2.31
CA LYS A 127 4.62 17.48 1.58
C LYS A 127 4.12 18.72 2.32
N SER A 128 4.58 19.88 1.86
CA SER A 128 4.16 21.12 2.49
C SER A 128 2.81 21.57 1.94
N SER A 129 2.21 22.54 2.63
CA SER A 129 0.90 23.05 2.26
C SER A 129 0.98 24.27 1.34
N GLY A 130 2.15 24.53 0.75
CA GLY A 130 2.31 25.67 -0.14
C GLY A 130 3.72 26.22 -0.14
N GLY A 131 4.21 26.59 1.04
CA GLY A 131 5.54 27.14 1.17
C GLY A 131 6.60 26.06 1.18
N PRO A 132 7.67 26.27 1.95
CA PRO A 132 8.75 25.28 1.99
C PRO A 132 8.44 24.15 2.97
N PHE A 133 8.99 22.99 2.66
CA PHE A 133 8.84 21.80 3.49
C PHE A 133 10.13 21.58 4.27
N VAL A 134 10.04 21.72 5.59
CA VAL A 134 11.19 21.51 6.47
C VAL A 134 10.72 20.69 7.67
N VAL A 135 11.33 19.52 7.86
CA VAL A 135 11.03 18.67 9.02
C VAL A 135 12.32 18.13 9.59
N ASP A 136 12.33 17.92 10.90
CA ASP A 136 13.39 17.19 11.58
C ASP A 136 13.03 15.71 11.60
N VAL A 137 13.97 14.87 11.18
CA VAL A 137 13.75 13.43 11.10
C VAL A 137 14.36 12.78 12.34
N VAL A 138 13.52 12.11 13.13
CA VAL A 138 13.93 11.47 14.37
C VAL A 138 13.71 9.98 14.23
N ILE A 139 14.74 9.19 14.54
CA ILE A 139 14.71 7.75 14.41
C ILE A 139 14.93 7.15 15.79
N ASN A 140 13.89 6.52 16.33
CA ASN A 140 13.95 5.89 17.65
C ASN A 140 14.43 6.88 18.71
N ASP A 141 13.83 8.07 18.68
CA ASP A 141 14.08 9.18 19.60
C ASP A 141 15.45 9.83 19.39
N ILE A 142 16.14 9.53 18.30
CA ILE A 142 17.44 10.12 17.98
C ILE A 142 17.27 11.01 16.76
N HIS A 143 17.72 12.26 16.87
CA HIS A 143 17.62 13.20 15.76
CA HIS A 143 17.62 13.20 15.76
C HIS A 143 18.62 12.81 14.69
N PHE A 144 18.12 12.46 13.50
CA PHE A 144 18.98 11.98 12.43
C PHE A 144 19.34 13.07 11.43
N GLU A 145 18.39 13.92 11.05
CA GLU A 145 18.66 14.93 10.03
C GLU A 145 17.53 15.96 10.05
N ARG A 146 17.84 17.13 9.51
CA ARG A 146 16.85 18.15 9.21
C ARG A 146 16.65 18.16 7.71
N PHE A 147 15.48 17.74 7.25
CA PHE A 147 15.18 17.61 5.84
C PHE A 147 14.50 18.88 5.33
N ARG A 148 15.01 19.42 4.23
CA ARG A 148 14.32 20.46 3.49
C ARG A 148 14.26 20.04 2.04
N GLY A 149 13.07 20.11 1.45
CA GLY A 149 12.89 19.71 0.06
C GLY A 149 11.43 19.66 -0.30
N ASP A 150 11.11 18.75 -1.22
CA ASP A 150 9.71 18.61 -1.64
C ASP A 150 8.92 17.75 -0.66
N GLY A 151 9.51 16.66 -0.18
CA GLY A 151 8.82 15.83 0.77
C GLY A 151 9.57 14.53 1.02
N LEU A 152 8.91 13.65 1.77
CA LEU A 152 9.44 12.35 2.12
C LEU A 152 8.40 11.27 1.85
N CYS A 153 8.88 10.08 1.49
CA CYS A 153 8.00 8.96 1.14
C CYS A 153 8.44 7.75 1.94
N MET A 154 7.49 7.14 2.66
CA MET A 154 7.72 5.93 3.44
C MET A 154 6.91 4.81 2.82
N SER A 155 7.59 3.78 2.32
CA SER A 155 6.96 2.75 1.51
C SER A 155 6.97 1.40 2.21
N THR A 156 5.90 0.63 1.99
CA THR A 156 5.86 -0.77 2.36
C THR A 156 6.76 -1.56 1.41
N PRO A 157 7.04 -2.83 1.71
CA PRO A 157 7.80 -3.63 0.73
C PRO A 157 7.12 -3.72 -0.63
N SER A 158 5.84 -4.10 -0.67
CA SER A 158 5.11 -4.14 -1.93
C SER A 158 4.93 -2.77 -2.55
N GLY A 159 5.07 -1.70 -1.77
CA GLY A 159 5.01 -0.35 -2.32
C GLY A 159 6.30 0.15 -2.93
N THR A 160 7.40 -0.59 -2.74
CA THR A 160 8.69 -0.14 -3.24
C THR A 160 8.72 -0.09 -4.76
N THR A 161 7.93 -0.93 -5.42
CA THR A 161 7.84 -0.89 -6.88
C THR A 161 6.97 0.25 -7.39
N ALA A 162 6.41 1.06 -6.49
CA ALA A 162 5.51 2.13 -6.89
C ALA A 162 6.18 3.50 -6.80
N TYR A 163 5.60 4.40 -6.00
CA TYR A 163 6.16 5.74 -5.82
C TYR A 163 7.62 5.67 -5.36
N ASN A 164 7.91 4.75 -4.45
CA ASN A 164 9.27 4.58 -3.95
C ASN A 164 10.26 4.35 -5.09
N LYS A 165 9.85 3.60 -6.11
CA LYS A 165 10.74 3.30 -7.22
C LYS A 165 11.07 4.56 -8.00
N SER A 166 10.09 5.43 -8.23
CA SER A 166 10.31 6.63 -9.03
C SER A 166 11.22 7.62 -8.31
N LEU A 167 11.42 7.48 -7.01
CA LEU A 167 12.26 8.36 -6.21
C LEU A 167 13.65 7.80 -6.00
N GLY A 168 14.03 6.75 -6.73
CA GLY A 168 15.32 6.13 -6.58
C GLY A 168 15.40 5.05 -5.52
N GLY A 169 14.29 4.72 -4.85
CA GLY A 169 14.31 3.73 -3.81
C GLY A 169 14.60 2.33 -4.34
N ALA A 170 14.97 1.46 -3.41
CA ALA A 170 15.29 0.08 -3.76
C ALA A 170 14.04 -0.77 -3.78
N LEU A 171 14.05 -1.80 -4.62
CA LEU A 171 12.96 -2.76 -4.67
C LEU A 171 13.19 -3.82 -3.62
N MET A 172 12.11 -4.23 -2.95
CA MET A 172 12.22 -4.93 -1.69
C MET A 172 11.24 -6.09 -1.64
N HIS A 173 11.73 -7.26 -1.27
CA HIS A 173 10.86 -8.43 -1.27
C HIS A 173 9.87 -8.36 -0.10
N PRO A 174 8.60 -8.68 -0.34
CA PRO A 174 7.58 -8.47 0.70
C PRO A 174 7.70 -9.42 1.88
N SER A 175 8.54 -10.45 1.80
CA SER A 175 8.75 -11.29 2.99
C SER A 175 9.53 -10.55 4.07
N ILE A 176 10.15 -9.43 3.73
CA ILE A 176 10.92 -8.63 4.69
C ILE A 176 9.97 -7.66 5.37
N GLU A 177 9.79 -7.82 6.68
CA GLU A 177 8.92 -6.94 7.47
C GLU A 177 9.69 -5.64 7.74
N ALA A 178 9.46 -4.64 6.89
CA ALA A 178 10.22 -3.41 7.01
C ALA A 178 9.55 -2.32 6.19
N MET A 179 10.14 -1.12 6.25
CA MET A 179 9.65 0.06 5.56
C MET A 179 10.84 0.86 5.06
N GLN A 180 10.64 1.57 3.95
CA GLN A 180 11.73 2.30 3.29
C GLN A 180 11.37 3.77 3.14
N LEU A 181 12.30 4.65 3.51
CA LEU A 181 12.12 6.09 3.44
C LEU A 181 12.96 6.67 2.32
N THR A 182 12.34 7.45 1.44
CA THR A 182 13.02 8.06 0.31
C THR A 182 12.76 9.57 0.30
N GLU A 183 13.72 10.31 -0.26
CA GLU A 183 13.63 11.76 -0.31
C GLU A 183 13.00 12.21 -1.62
N MET A 184 12.31 13.35 -1.55
CA MET A 184 11.76 14.04 -2.72
C MET A 184 12.49 15.36 -2.85
N ALA A 185 13.47 15.42 -3.75
CA ALA A 185 14.17 16.66 -4.11
C ALA A 185 14.71 17.39 -2.88
N SER A 186 15.64 16.74 -2.19
CA SER A 186 16.23 17.33 -1.00
CA SER A 186 16.23 17.33 -1.00
C SER A 186 17.24 18.40 -1.36
N ILE A 187 17.35 19.41 -0.52
CA ILE A 187 18.32 20.47 -0.69
C ILE A 187 19.58 20.10 0.06
N ASN A 188 20.73 20.15 -0.61
CA ASN A 188 22.02 19.86 -0.01
C ASN A 188 23.01 20.92 -0.47
N ASN A 189 23.37 21.83 0.44
CA ASN A 189 24.36 22.86 0.15
C ASN A 189 25.24 23.08 1.37
N ARG A 190 25.61 24.34 1.63
CA ARG A 190 26.46 24.62 2.78
C ARG A 190 25.69 24.58 4.09
N VAL A 191 24.38 24.88 4.06
CA VAL A 191 23.59 24.97 5.27
C VAL A 191 22.62 23.82 5.46
N TYR A 192 22.32 23.06 4.41
CA TYR A 192 21.37 21.95 4.50
C TYR A 192 22.06 20.64 4.12
N ARG A 193 21.77 19.59 4.88
CA ARG A 193 22.43 18.30 4.72
C ARG A 193 21.45 17.19 5.04
N THR A 194 21.27 16.26 4.11
CA THR A 194 20.48 15.06 4.31
C THR A 194 21.31 13.85 3.90
N ILE A 195 20.81 12.66 4.26
CA ILE A 195 21.54 11.44 3.96
C ILE A 195 21.52 11.15 2.47
N GLY A 196 20.47 11.56 1.76
CA GLY A 196 20.36 11.32 0.34
C GLY A 196 19.88 9.91 0.02
N SER A 197 20.60 8.91 0.55
CA SER A 197 20.26 7.52 0.27
C SER A 197 18.92 7.15 0.89
N PRO A 198 18.20 6.20 0.27
CA PRO A 198 17.01 5.65 0.92
C PRO A 198 17.39 4.88 2.19
N LEU A 199 16.49 4.90 3.16
CA LEU A 199 16.70 4.22 4.43
C LEU A 199 15.66 3.12 4.58
N VAL A 200 16.10 1.95 5.03
CA VAL A 200 15.26 0.77 5.19
C VAL A 200 15.23 0.41 6.67
N PHE A 201 14.02 0.41 7.27
CA PHE A 201 13.85 0.26 8.71
C PHE A 201 13.15 -1.05 9.05
N PRO A 202 13.67 -1.79 10.02
CA PRO A 202 13.05 -3.07 10.41
C PRO A 202 11.83 -2.83 11.29
N LYS A 203 11.24 -3.93 11.75
CA LYS A 203 10.13 -3.83 12.69
C LYS A 203 10.57 -3.13 13.97
N HIS A 204 9.60 -2.47 14.62
CA HIS A 204 9.74 -1.79 15.90
C HIS A 204 10.65 -0.57 15.84
N HIS A 205 11.17 -0.20 14.68
CA HIS A 205 11.83 1.08 14.51
C HIS A 205 10.77 2.13 14.21
N VAL A 206 10.84 3.27 14.90
CA VAL A 206 9.88 4.34 14.77
C VAL A 206 10.58 5.55 14.17
N VAL A 207 10.13 5.97 12.99
CA VAL A 207 10.63 7.18 12.34
C VAL A 207 9.60 8.27 12.56
N SER A 208 10.03 9.36 13.19
CA SER A 208 9.15 10.46 13.55
C SER A 208 9.56 11.72 12.80
N LEU A 209 8.59 12.41 12.21
CA LEU A 209 8.79 13.68 11.55
C LEU A 209 8.20 14.78 12.39
N GLN A 210 8.97 15.85 12.62
CA GLN A 210 8.57 16.93 13.51
C GLN A 210 8.75 18.26 12.81
N PRO A 211 7.76 19.15 12.87
CA PRO A 211 7.85 20.41 12.12
C PRO A 211 8.91 21.34 12.71
N VAL A 212 9.44 22.20 11.85
CA VAL A 212 10.41 23.22 12.24
C VAL A 212 9.77 24.60 12.30
N ASN A 213 9.01 24.97 11.28
CA ASN A 213 8.29 26.23 11.28
C ASN A 213 6.82 26.00 10.95
N ASP A 214 6.51 25.82 9.66
CA ASP A 214 5.14 25.55 9.27
C ASP A 214 4.67 24.22 9.84
N LYS A 215 3.45 24.20 10.36
CA LYS A 215 2.87 23.01 10.97
C LYS A 215 1.75 22.42 10.14
N ASP A 216 1.57 22.89 8.91
CA ASP A 216 0.58 22.33 7.98
C ASP A 216 1.29 21.45 6.96
N PHE A 217 0.78 20.25 6.76
CA PHE A 217 1.38 19.30 5.84
C PHE A 217 0.30 18.60 5.03
N GLN A 218 0.59 18.36 3.76
CA GLN A 218 -0.23 17.52 2.91
C GLN A 218 0.27 16.09 3.05
N ILE A 219 -0.50 15.25 3.74
CA ILE A 219 -0.11 13.87 4.03
C ILE A 219 -0.94 12.94 3.16
N SER A 220 -0.25 12.07 2.43
CA SER A 220 -0.91 11.08 1.58
C SER A 220 -0.79 9.70 2.22
N VAL A 221 -1.84 8.90 2.07
CA VAL A 221 -1.82 7.48 2.44
C VAL A 221 -2.40 6.74 1.25
N ASP A 222 -1.52 6.14 0.44
CA ASP A 222 -1.88 5.53 -0.85
C ASP A 222 -2.55 6.62 -1.67
N HIS A 223 -3.77 6.41 -2.17
CA HIS A 223 -4.44 7.42 -2.98
C HIS A 223 -5.05 8.54 -2.15
N LEU A 224 -5.31 8.31 -0.86
CA LEU A 224 -5.88 9.34 -0.02
C LEU A 224 -4.84 10.43 0.27
N SER A 225 -5.26 11.68 0.21
CA SER A 225 -4.39 12.82 0.45
C SER A 225 -5.18 13.89 1.18
N ILE A 226 -4.79 14.18 2.43
CA ILE A 226 -5.50 15.10 3.30
C ILE A 226 -4.56 16.18 3.77
N LEU A 227 -5.05 17.41 3.84
CA LEU A 227 -4.31 18.52 4.43
C LEU A 227 -4.51 18.50 5.93
N HIS A 228 -3.44 18.24 6.68
CA HIS A 228 -3.48 18.19 8.13
C HIS A 228 -2.92 19.49 8.72
N ARG A 229 -3.66 20.09 9.64
CA ARG A 229 -3.30 21.36 10.24
C ARG A 229 -2.90 21.16 11.69
N ASP A 230 -2.03 22.05 12.19
CA ASP A 230 -1.54 22.02 13.56
C ASP A 230 -0.93 20.67 13.89
N VAL A 231 -0.02 20.22 13.03
CA VAL A 231 0.64 18.93 13.20
C VAL A 231 1.80 19.07 14.16
N GLN A 232 1.91 18.15 15.10
CA GLN A 232 3.04 18.10 16.02
C GLN A 232 4.01 16.98 15.72
N GLU A 233 3.55 15.90 15.08
CA GLU A 233 4.40 14.74 14.84
C GLU A 233 3.74 13.83 13.82
N ILE A 234 4.57 13.18 13.00
CA ILE A 234 4.14 12.12 12.08
C ILE A 234 5.01 10.91 12.36
N ARG A 235 4.39 9.83 12.81
CA ARG A 235 5.10 8.63 13.24
C ARG A 235 4.88 7.51 12.25
N TYR A 236 5.99 6.96 11.73
CA TYR A 236 5.96 5.82 10.83
C TYR A 236 6.56 4.60 11.51
N GLU A 237 5.92 3.45 11.31
CA GLU A 237 6.43 2.19 11.82
C GLU A 237 5.73 1.05 11.10
N VAL A 238 6.42 -0.09 11.01
CA VAL A 238 5.82 -1.27 10.42
C VAL A 238 4.64 -1.71 11.26
N SER A 239 3.49 -1.88 10.61
CA SER A 239 2.27 -2.22 11.33
C SER A 239 2.33 -3.65 11.85
N ALA A 240 1.67 -3.87 13.00
CA ALA A 240 1.44 -5.23 13.45
C ALA A 240 0.43 -5.94 12.56
N LYS A 241 -0.40 -5.19 11.86
CA LYS A 241 -1.36 -5.76 10.92
C LYS A 241 -0.67 -6.11 9.60
N LYS A 242 -1.23 -7.11 8.92
CA LYS A 242 -0.72 -7.55 7.63
C LYS A 242 -1.91 -7.83 6.72
N ILE A 243 -1.70 -7.65 5.42
CA ILE A 243 -2.71 -7.96 4.42
C ILE A 243 -2.50 -9.40 3.95
N HIS A 244 -3.59 -10.12 3.76
CA HIS A 244 -3.55 -11.53 3.39
C HIS A 244 -4.08 -11.70 1.98
N PHE A 245 -3.28 -12.29 1.11
CA PHE A 245 -3.67 -12.62 -0.25
C PHE A 245 -4.02 -14.10 -0.35
N ALA A 246 -5.09 -14.39 -1.08
CA ALA A 246 -5.37 -15.77 -1.45
C ALA A 246 -4.52 -16.11 -2.67
N ARG A 247 -3.67 -17.13 -2.53
CA ARG A 247 -2.73 -17.54 -3.56
CA ARG A 247 -2.75 -17.54 -3.57
C ARG A 247 -3.09 -18.94 -4.04
N PHE A 248 -3.26 -19.11 -5.35
CA PHE A 248 -3.62 -20.38 -5.95
C PHE A 248 -2.52 -21.01 -6.80
N ARG A 249 -1.53 -20.23 -7.21
CA ARG A 249 -0.44 -20.75 -8.02
C ARG A 249 0.81 -19.91 -7.74
N SER A 250 1.94 -20.41 -8.20
CA SER A 250 3.21 -19.73 -7.98
C SER A 250 3.34 -18.54 -8.92
N PHE A 251 3.39 -17.34 -8.36
CA PHE A 251 3.66 -16.12 -9.12
C PHE A 251 4.62 -15.28 -8.29
N PRO A 252 5.92 -15.59 -8.36
CA PRO A 252 6.88 -14.96 -7.44
C PRO A 252 6.97 -13.46 -7.63
N PHE A 253 7.38 -12.78 -6.55
CA PHE A 253 7.45 -11.32 -6.57
C PHE A 253 8.42 -10.82 -7.63
N TRP A 254 9.62 -11.42 -7.70
CA TRP A 254 10.60 -10.99 -8.69
C TRP A 254 10.14 -11.26 -10.11
N ARG A 255 9.43 -12.38 -10.32
CA ARG A 255 8.80 -12.62 -11.62
C ARG A 255 7.80 -11.52 -11.96
N ARG A 256 7.00 -11.13 -10.97
CA ARG A 256 6.04 -10.05 -11.15
C ARG A 256 6.76 -8.73 -11.44
N VAL A 257 7.91 -8.51 -10.80
CA VAL A 257 8.72 -7.34 -11.08
C VAL A 257 9.25 -7.40 -12.52
N HIS A 258 9.75 -8.57 -12.93
CA HIS A 258 10.27 -8.73 -14.28
C HIS A 258 9.20 -8.44 -15.33
N ASP A 259 8.00 -8.97 -15.12
CA ASP A 259 6.93 -8.79 -16.11
C ASP A 259 6.48 -7.33 -16.19
N SER A 260 6.50 -6.62 -15.06
CA SER A 260 5.97 -5.27 -15.04
C SER A 260 6.96 -4.25 -15.55
N PHE A 261 8.27 -4.48 -15.37
CA PHE A 261 9.28 -3.48 -15.69
C PHE A 261 10.26 -3.90 -16.76
N ILE A 262 10.58 -5.19 -16.88
CA ILE A 262 11.55 -5.65 -17.88
C ILE A 262 10.80 -5.99 -19.16
N GLU A 263 9.96 -7.01 -19.10
CA GLU A 263 9.18 -7.46 -20.26
C GLU A 263 8.19 -8.55 -19.86
N ASP A 264 7.06 -8.62 -20.54
CA ASP A 264 6.10 -9.70 -20.32
C ASP A 264 5.77 -10.39 -21.65
C1 CIT B . 7.63 -15.13 -3.59
O1 CIT B . 7.93 -13.98 -3.97
O2 CIT B . 8.33 -16.09 -3.99
C2 CIT B . 6.46 -15.38 -2.66
C3 CIT B . 5.13 -15.04 -3.34
O7 CIT B . 5.10 -15.68 -4.63
C4 CIT B . 3.97 -15.56 -2.50
C5 CIT B . 3.71 -17.00 -2.87
O3 CIT B . 4.07 -17.92 -2.11
O4 CIT B . 3.10 -17.28 -3.93
C6 CIT B . 5.01 -13.54 -3.51
O5 CIT B . 4.72 -12.82 -2.53
O6 CIT B . 5.19 -13.00 -4.63
N1 K38 C . 5.50 8.18 -9.42
C2 K38 C . 5.23 6.89 -9.19
C4 K38 C . 3.37 7.37 -8.07
C5 K38 C . 3.60 8.69 -8.26
C6 K38 C . 4.70 9.10 -8.96
C1' K38 C . 1.07 1.61 -10.42
C2' K38 C . -0.27 1.67 -11.08
C3' K38 C . 0.13 2.71 -12.08
C4' K38 C . 1.12 3.53 -11.26
C5' K38 C . 0.57 4.89 -10.95
C8 K38 C . 1.83 8.42 -7.15
CAF K38 C . 1.67 5.99 -7.01
CAG K38 C . 1.79 5.80 -5.54
CAH K38 C . 0.34 5.75 -5.16
CAI K38 C . -0.25 5.28 -6.46
CAJ K38 C . -1.81 5.40 -6.58
CAL K38 C . -2.81 3.43 -7.92
CAM K38 C . -1.65 2.57 -7.90
CAN K38 C . -0.72 1.92 -7.94
CAO K38 C . 0.43 1.15 -8.10
CAQ K38 C . 2.12 0.21 -8.83
CAS K38 C . 3.96 -1.05 -8.89
CAU K38 C . 2.83 -1.00 -6.93
CAV K38 C . 1.95 -0.16 -7.54
N3 K38 C . 4.21 6.49 -8.55
N6 K38 C . 5.02 10.34 -9.17
N7 K38 C . 2.62 9.30 -7.68
N9 K38 C . 2.28 7.24 -7.38
NAK K38 C . -2.42 4.86 -7.80
NAP K38 C . 1.17 1.01 -9.15
NAR K38 C . 3.14 -0.24 -9.48
NAT K38 C . 3.84 -1.43 -7.61
NAW K38 C . 0.90 0.45 -7.15
NAX K38 C . 2.68 -1.34 -5.69
O2' K38 C . -0.59 0.45 -11.68
O3' K38 C . 0.87 2.12 -13.07
O4' K38 C . 1.21 2.88 -10.13
O5' K38 C . -0.69 4.88 -10.36
OBH K38 C . 0.35 6.13 -7.24
OBI K38 C . 0.09 4.90 -4.12
OBJ K38 C . 2.42 4.59 -5.28
#